data_7FJG
#
_entry.id   7FJG
#
_cell.length_a   64.426
_cell.length_b   79.351
_cell.length_c   212.932
_cell.angle_alpha   90.000
_cell.angle_beta   90.000
_cell.angle_gamma   90.000
#
_symmetry.space_group_name_H-M   'I 2 2 2'
#
loop_
_entity.id
_entity.type
_entity.pdbx_description
1 polymer 'NADH-dependent butanol dehydrogenase A'
2 non-polymer 'FE (III) ION'
3 non-polymer "ADENOSINE-5'-DIPHOSPHATE"
4 water water
#
_entity_poly.entity_id   1
_entity_poly.type   'polypeptide(L)'
_entity_poly.pdbx_seq_one_letter_code
;MDNFNYKNDTKIIFGKDNYSEIGKNIKIFSKKTPKILLHYEADGELIKKLGIYEKVISSLKEFDIEFIELGGVVPNPRLS
LVYEGIKICKEENITFILAVGGASVIDSAKAISLGAVDNGDVWDFFTAKRIPQDTLGIGVVLTIPGAGSEMSESSIITDE
NKKQKAVCDTEVNFPKFAILNPEVCYTIPDRLMAAGIVDILSHLMERYFTKSIDTALSDSLIEATMKIVIKYGPLLMKDR
KNYNYCSQIMWAATMAHNGMIACGRVADWASHRIEHEISGIYDLTHGIGMAIIFPAWMKYTKNIRPQIFEKFFKEVFNTV
NIDEGINKLEEFFKSLGINLKLSDYGITEEYFSLMAEKALGNSETLGRFMQLNKQDIINILNLAK
;
_entity_poly.pdbx_strand_id   A
#
loop_
_chem_comp.id
_chem_comp.type
_chem_comp.name
_chem_comp.formula
ADP non-polymer ADENOSINE-5'-DIPHOSPHATE 'C10 H15 N5 O10 P2'
FE non-polymer 'FE (III) ION' 'Fe 3'
#
# COMPACT_ATOMS: atom_id res chain seq x y z
N ASP A 2 -17.55 -17.24 10.38
CA ASP A 2 -16.49 -16.81 9.46
C ASP A 2 -16.97 -16.65 8.02
N ASN A 3 -18.05 -15.89 7.83
CA ASN A 3 -18.55 -15.49 6.53
C ASN A 3 -17.85 -14.21 6.05
N PHE A 4 -18.07 -13.87 4.78
CA PHE A 4 -17.35 -12.72 4.23
C PHE A 4 -17.99 -12.32 2.90
N ASN A 5 -17.82 -11.03 2.57
CA ASN A 5 -18.18 -10.45 1.28
C ASN A 5 -16.94 -9.99 0.53
N TYR A 6 -17.04 -9.95 -0.81
CA TYR A 6 -15.93 -9.43 -1.60
C TYR A 6 -16.42 -8.72 -2.86
N LYS A 7 -15.97 -7.48 -3.01
CA LYS A 7 -16.14 -6.72 -4.24
C LYS A 7 -14.82 -6.08 -4.63
N ASN A 8 -14.57 -6.03 -5.92
CA ASN A 8 -13.50 -5.17 -6.44
C ASN A 8 -13.65 -5.04 -7.95
N ASP A 9 -14.11 -3.88 -8.40
CA ASP A 9 -14.41 -3.68 -9.80
C ASP A 9 -13.30 -2.95 -10.54
N THR A 10 -12.18 -2.64 -9.86
CA THR A 10 -11.09 -1.95 -10.52
C THR A 10 -10.54 -2.82 -11.64
N LYS A 11 -10.44 -2.25 -12.83
CA LYS A 11 -9.92 -2.99 -13.97
C LYS A 11 -8.41 -3.02 -13.88
N ILE A 12 -7.85 -4.20 -14.10
CA ILE A 12 -6.41 -4.42 -14.07
C ILE A 12 -5.95 -4.46 -15.51
N ILE A 13 -5.07 -3.53 -15.89
CA ILE A 13 -4.33 -3.65 -17.17
C ILE A 13 -2.86 -3.92 -16.85
N PHE A 14 -2.46 -5.19 -16.90
CA PHE A 14 -1.15 -5.62 -16.42
C PHE A 14 -0.24 -5.94 -17.59
N GLY A 15 0.97 -5.38 -17.57
CA GLY A 15 1.96 -5.74 -18.56
C GLY A 15 2.71 -4.53 -19.06
N LYS A 16 3.19 -4.69 -20.28
CA LYS A 16 4.31 -3.92 -20.83
C LYS A 16 3.98 -3.51 -22.26
N ASP A 17 4.64 -2.42 -22.72
CA ASP A 17 4.62 -2.00 -24.13
C ASP A 17 3.18 -1.92 -24.63
N ASN A 18 2.38 -1.17 -23.88
CA ASN A 18 0.93 -1.24 -23.95
C ASN A 18 0.39 0.12 -23.59
N TYR A 19 1.17 1.17 -23.85
CA TYR A 19 0.82 2.49 -23.35
C TYR A 19 -0.37 3.08 -24.10
N SER A 20 -0.87 2.40 -25.12
CA SER A 20 -2.10 2.84 -25.74
C SER A 20 -3.29 2.66 -24.80
N GLU A 21 -3.30 1.61 -24.00
CA GLU A 21 -4.48 1.35 -23.19
C GLU A 21 -4.81 2.49 -22.23
N ILE A 22 -3.89 3.42 -21.99
CA ILE A 22 -4.28 4.62 -21.26
C ILE A 22 -5.47 5.23 -22.03
N GLY A 23 -5.19 5.74 -23.23
CA GLY A 23 -6.21 6.30 -24.09
C GLY A 23 -7.45 5.45 -24.17
N LYS A 24 -7.26 4.20 -24.60
CA LYS A 24 -8.37 3.28 -24.81
C LYS A 24 -9.27 3.24 -23.61
N ASN A 25 -8.69 3.15 -22.42
CA ASN A 25 -9.49 2.93 -21.24
C ASN A 25 -10.08 4.23 -20.73
N ILE A 26 -9.45 5.36 -21.05
CA ILE A 26 -10.11 6.62 -20.80
C ILE A 26 -11.37 6.72 -21.64
N LYS A 27 -11.28 6.36 -22.93
CA LYS A 27 -12.49 6.40 -23.73
C LYS A 27 -13.54 5.51 -23.09
N ILE A 28 -13.13 4.34 -22.61
CA ILE A 28 -14.13 3.36 -22.27
C ILE A 28 -14.92 3.74 -21.03
N PHE A 29 -14.32 4.42 -20.05
CA PHE A 29 -15.05 4.73 -18.81
C PHE A 29 -15.26 6.24 -18.62
N SER A 30 -15.14 7.07 -19.65
CA SER A 30 -15.55 8.45 -19.50
C SER A 30 -16.70 8.78 -20.45
N LYS A 31 -17.68 9.48 -19.90
CA LYS A 31 -18.85 9.87 -20.70
C LYS A 31 -18.48 10.74 -21.92
N LYS A 32 -19.44 10.81 -22.88
CA LYS A 32 -19.51 11.79 -23.97
C LYS A 32 -18.27 11.73 -24.84
N THR A 33 -17.50 12.81 -24.90
CA THR A 33 -16.17 13.04 -25.35
C THR A 33 -15.36 13.27 -24.11
N PRO A 34 -14.15 12.70 -24.05
CA PRO A 34 -13.36 12.79 -22.83
C PRO A 34 -12.54 14.08 -22.79
N LYS A 35 -12.48 14.67 -21.58
CA LYS A 35 -11.54 15.73 -21.25
C LYS A 35 -11.06 15.49 -19.82
N ILE A 36 -9.75 15.33 -19.62
CA ILE A 36 -9.28 14.73 -18.38
C ILE A 36 -8.39 15.69 -17.59
N LEU A 37 -8.16 15.33 -16.33
CA LEU A 37 -7.12 15.93 -15.52
C LEU A 37 -5.99 14.93 -15.34
N LEU A 38 -4.77 15.37 -15.67
CA LEU A 38 -3.54 14.62 -15.43
C LEU A 38 -3.01 15.06 -14.08
N HIS A 39 -2.92 14.14 -13.12
CA HIS A 39 -2.51 14.46 -11.74
C HIS A 39 -1.22 13.73 -11.39
N TYR A 40 -0.32 14.43 -10.69
CA TYR A 40 1.00 13.92 -10.35
C TYR A 40 1.60 14.72 -9.20
N GLU A 41 2.59 14.12 -8.53
CA GLU A 41 3.31 14.78 -7.44
C GLU A 41 4.22 15.86 -8.01
N ALA A 42 4.24 17.02 -7.37
CA ALA A 42 5.08 18.11 -7.85
C ALA A 42 4.83 18.43 -9.32
N ASP A 43 5.87 18.77 -10.08
CA ASP A 43 5.67 19.26 -11.45
C ASP A 43 6.17 18.27 -12.50
N GLY A 44 5.72 17.03 -12.39
CA GLY A 44 6.04 16.00 -13.35
C GLY A 44 7.47 15.54 -13.29
N GLU A 45 8.19 15.91 -12.23
CA GLU A 45 9.64 15.82 -12.21
C GLU A 45 10.12 14.38 -12.38
N LEU A 46 9.44 13.43 -11.73
CA LEU A 46 9.82 12.04 -11.90
C LEU A 46 9.14 11.40 -13.13
N ILE A 47 7.81 11.38 -13.16
CA ILE A 47 7.15 10.71 -14.28
C ILE A 47 7.75 11.16 -15.60
N LYS A 48 8.20 12.42 -15.68
CA LYS A 48 8.81 12.96 -16.89
C LYS A 48 10.20 12.41 -17.07
N LYS A 49 10.98 12.41 -15.98
CA LYS A 49 12.35 11.93 -16.04
C LYS A 49 12.42 10.47 -16.46
N LEU A 50 11.39 9.71 -16.09
CA LEU A 50 11.28 8.30 -16.42
C LEU A 50 10.71 8.06 -17.82
N GLY A 51 10.16 9.09 -18.46
CA GLY A 51 9.56 8.92 -19.75
C GLY A 51 8.14 8.42 -19.73
N ILE A 52 7.48 8.44 -18.58
CA ILE A 52 6.07 8.09 -18.57
C ILE A 52 5.25 9.26 -19.07
N TYR A 53 5.61 10.46 -18.62
CA TYR A 53 4.90 11.66 -19.00
C TYR A 53 4.63 11.69 -20.49
N GLU A 54 5.70 11.64 -21.30
CA GLU A 54 5.52 11.74 -22.75
C GLU A 54 4.62 10.60 -23.29
N LYS A 55 4.96 9.35 -22.99
CA LYS A 55 4.21 8.20 -23.54
C LYS A 55 2.78 8.25 -23.04
N VAL A 56 2.55 8.81 -21.86
CA VAL A 56 1.19 9.21 -21.47
C VAL A 56 0.60 10.13 -22.53
N ILE A 57 1.26 11.25 -22.78
CA ILE A 57 0.72 12.26 -23.69
C ILE A 57 0.50 11.67 -25.08
N SER A 58 1.42 10.84 -25.52
CA SER A 58 1.30 10.23 -26.83
C SER A 58 0.13 9.28 -26.90
N SER A 59 -0.36 8.82 -25.76
CA SER A 59 -1.59 8.03 -25.79
C SER A 59 -2.82 8.90 -25.95
N LEU A 60 -2.86 10.04 -25.23
CA LEU A 60 -4.01 10.93 -25.28
C LEU A 60 -4.16 11.57 -26.66
N LYS A 61 -3.05 12.09 -27.22
CA LYS A 61 -3.02 12.57 -28.60
C LYS A 61 -3.49 11.46 -29.53
N GLU A 62 -2.88 10.28 -29.43
CA GLU A 62 -3.30 9.13 -30.22
C GLU A 62 -4.83 8.91 -30.16
N PHE A 63 -5.53 9.52 -29.21
CA PHE A 63 -6.96 9.26 -29.04
C PHE A 63 -7.82 10.53 -29.03
N ASP A 64 -7.24 11.68 -29.36
CA ASP A 64 -7.98 12.94 -29.36
C ASP A 64 -8.71 13.08 -28.03
N ILE A 65 -7.89 13.31 -27.04
CA ILE A 65 -8.33 13.43 -25.67
C ILE A 65 -7.80 14.75 -25.18
N GLU A 66 -8.68 15.68 -24.85
CA GLU A 66 -8.18 16.94 -24.35
C GLU A 66 -7.90 16.84 -22.85
N PHE A 67 -7.04 17.74 -22.35
CA PHE A 67 -6.57 17.56 -20.98
C PHE A 67 -5.85 18.77 -20.41
N ILE A 68 -6.24 19.15 -19.21
CA ILE A 68 -5.51 20.06 -18.35
C ILE A 68 -4.66 19.22 -17.40
N GLU A 69 -3.63 19.84 -16.82
CA GLU A 69 -2.77 19.16 -15.85
C GLU A 69 -2.85 19.87 -14.50
N LEU A 70 -2.81 19.09 -13.42
CA LEU A 70 -2.61 19.62 -12.08
C LEU A 70 -1.49 18.86 -11.40
N GLY A 71 -0.62 19.59 -10.74
CA GLY A 71 0.53 19.01 -10.07
C GLY A 71 0.59 19.53 -8.65
N GLY A 72 1.68 19.24 -7.94
CA GLY A 72 1.84 19.72 -6.59
C GLY A 72 1.30 18.84 -5.48
N VAL A 73 1.55 17.57 -5.56
CA VAL A 73 1.14 16.63 -4.52
C VAL A 73 2.27 16.47 -3.51
N VAL A 74 1.90 16.36 -2.24
CA VAL A 74 2.84 16.14 -1.15
C VAL A 74 2.76 14.66 -0.77
N PRO A 75 3.85 14.06 -0.32
CA PRO A 75 3.80 12.63 0.04
C PRO A 75 2.60 12.24 0.90
N ASN A 76 2.10 13.08 1.81
CA ASN A 76 0.84 12.84 2.53
C ASN A 76 -0.09 14.01 2.19
N PRO A 77 -1.02 13.84 1.24
CA PRO A 77 -1.49 14.99 0.44
C PRO A 77 -2.53 15.85 1.14
N ARG A 78 -2.70 17.07 0.63
CA ARG A 78 -3.42 18.10 1.38
C ARG A 78 -4.73 18.52 0.68
N LEU A 79 -5.79 18.70 1.50
CA LEU A 79 -7.07 19.19 1.02
C LEU A 79 -6.96 20.61 0.45
N SER A 80 -6.01 21.42 0.90
CA SER A 80 -5.45 22.52 0.12
C SER A 80 -5.66 22.30 -1.38
N LEU A 81 -5.11 21.20 -1.90
CA LEU A 81 -5.01 21.00 -3.34
C LEU A 81 -6.18 20.23 -3.91
N VAL A 82 -6.95 19.53 -3.10
CA VAL A 82 -8.16 18.89 -3.62
C VAL A 82 -9.22 19.95 -3.91
N TYR A 83 -9.43 20.88 -2.98
CA TYR A 83 -10.24 22.07 -3.25
C TYR A 83 -9.79 22.75 -4.56
N GLU A 84 -8.49 22.79 -4.82
CA GLU A 84 -8.01 23.31 -6.10
C GLU A 84 -8.56 22.49 -7.26
N GLY A 85 -8.33 21.17 -7.23
CA GLY A 85 -8.64 20.34 -8.38
C GLY A 85 -10.13 20.17 -8.62
N ILE A 86 -10.94 20.27 -7.57
CA ILE A 86 -12.39 20.23 -7.71
C ILE A 86 -12.88 21.45 -8.47
N LYS A 87 -12.45 22.65 -8.03
CA LYS A 87 -12.79 23.85 -8.78
C LYS A 87 -12.53 23.63 -10.26
N ILE A 88 -11.38 23.02 -10.60
CA ILE A 88 -11.02 22.92 -12.01
C ILE A 88 -11.88 21.90 -12.74
N CYS A 89 -12.40 20.88 -12.06
CA CYS A 89 -13.19 19.87 -12.77
C CYS A 89 -14.62 20.32 -13.00
N LYS A 90 -15.13 21.18 -12.12
CA LYS A 90 -16.41 21.84 -12.37
C LYS A 90 -16.23 22.98 -13.38
N GLU A 91 -15.12 23.72 -13.28
CA GLU A 91 -14.89 24.87 -14.17
C GLU A 91 -14.69 24.43 -15.61
N GLU A 92 -13.80 23.45 -15.83
CA GLU A 92 -13.40 23.05 -17.16
C GLU A 92 -14.11 21.79 -17.60
N ASN A 93 -15.19 21.43 -16.92
CA ASN A 93 -15.94 20.19 -17.21
C ASN A 93 -15.02 19.00 -17.43
N ILE A 94 -14.15 18.73 -16.47
CA ILE A 94 -13.35 17.52 -16.53
C ILE A 94 -14.27 16.33 -16.30
N THR A 95 -14.15 15.31 -17.15
CA THR A 95 -15.02 14.16 -17.10
C THR A 95 -14.37 12.90 -16.55
N PHE A 96 -13.11 12.98 -16.09
CA PHE A 96 -12.29 11.82 -15.76
C PHE A 96 -10.89 12.29 -15.40
N ILE A 97 -10.21 11.58 -14.48
CA ILE A 97 -8.90 11.97 -13.97
C ILE A 97 -7.95 10.80 -14.15
N LEU A 98 -6.74 11.09 -14.62
CA LEU A 98 -5.68 10.10 -14.76
C LEU A 98 -4.65 10.36 -13.68
N ALA A 99 -4.67 9.52 -12.64
CA ALA A 99 -3.62 9.51 -11.63
C ALA A 99 -2.39 8.84 -12.23
N VAL A 100 -1.31 9.59 -12.37
CA VAL A 100 -0.01 9.04 -12.74
C VAL A 100 0.93 9.18 -11.55
N GLY A 101 1.18 8.08 -10.86
CA GLY A 101 2.11 8.16 -9.77
C GLY A 101 1.98 7.08 -8.73
N GLY A 102 2.01 7.48 -7.46
CA GLY A 102 1.85 6.56 -6.35
C GLY A 102 0.69 6.91 -5.44
N ALA A 103 0.64 6.26 -4.29
CA ALA A 103 -0.60 6.18 -3.54
C ALA A 103 -1.07 7.54 -3.08
N SER A 104 -0.17 8.48 -2.93
CA SER A 104 -0.58 9.77 -2.43
C SER A 104 -1.01 10.75 -3.52
N VAL A 105 -0.77 10.48 -4.80
CA VAL A 105 -1.55 11.16 -5.84
C VAL A 105 -2.79 10.36 -6.17
N ILE A 106 -2.68 9.04 -6.26
CA ILE A 106 -3.86 8.18 -6.37
C ILE A 106 -4.87 8.56 -5.28
N ASP A 107 -4.38 8.85 -4.07
CA ASP A 107 -5.30 9.33 -3.04
C ASP A 107 -5.90 10.68 -3.41
N SER A 108 -5.06 11.66 -3.75
CA SER A 108 -5.59 12.99 -4.08
C SER A 108 -6.56 12.92 -5.26
N ALA A 109 -6.22 12.12 -6.29
CA ALA A 109 -7.10 11.92 -7.43
C ALA A 109 -8.47 11.45 -6.98
N LYS A 110 -8.49 10.50 -6.04
CA LYS A 110 -9.76 9.89 -5.63
C LYS A 110 -10.67 10.93 -5.00
N ALA A 111 -10.09 11.81 -4.20
CA ALA A 111 -10.85 12.82 -3.48
C ALA A 111 -11.31 13.93 -4.42
N ILE A 112 -10.54 14.23 -5.46
CA ILE A 112 -11.09 15.13 -6.47
C ILE A 112 -12.26 14.47 -7.20
N SER A 113 -12.14 13.18 -7.52
CA SER A 113 -13.23 12.50 -8.22
C SER A 113 -14.51 12.51 -7.41
N LEU A 114 -14.40 12.59 -6.09
CA LEU A 114 -15.59 12.64 -5.26
C LEU A 114 -16.28 14.00 -5.34
N GLY A 115 -15.52 15.08 -5.20
CA GLY A 115 -16.11 16.39 -5.13
C GLY A 115 -16.53 16.94 -6.47
N ALA A 116 -15.85 16.53 -7.54
CA ALA A 116 -16.23 16.94 -8.87
C ALA A 116 -17.72 16.70 -9.11
N VAL A 117 -18.32 15.76 -8.40
CA VAL A 117 -19.69 15.32 -8.65
C VAL A 117 -20.63 15.67 -7.51
N ASP A 118 -20.14 16.35 -6.49
CA ASP A 118 -20.91 16.60 -5.29
C ASP A 118 -21.28 18.08 -5.19
N ASN A 119 -22.42 18.35 -4.54
CA ASN A 119 -22.92 19.72 -4.42
C ASN A 119 -22.27 20.47 -3.26
N GLY A 120 -21.96 19.76 -2.17
CA GLY A 120 -21.47 20.36 -0.94
C GLY A 120 -19.97 20.33 -0.83
N ASP A 121 -19.48 20.29 0.42
CA ASP A 121 -18.05 20.21 0.74
C ASP A 121 -17.61 18.74 0.78
N VAL A 122 -16.35 18.53 0.40
CA VAL A 122 -15.80 17.18 0.26
C VAL A 122 -15.32 16.63 1.60
N TRP A 123 -14.91 17.51 2.55
CA TRP A 123 -14.57 17.01 3.89
C TRP A 123 -15.69 16.11 4.43
N ASP A 124 -16.95 16.54 4.27
CA ASP A 124 -18.08 15.77 4.80
C ASP A 124 -18.01 14.29 4.43
N PHE A 125 -17.26 13.96 3.39
CA PHE A 125 -17.05 12.58 3.02
C PHE A 125 -15.90 11.93 3.79
N PHE A 126 -14.99 12.73 4.37
CA PHE A 126 -13.91 12.29 5.24
C PHE A 126 -14.26 12.49 6.70
N THR A 127 -15.17 13.43 6.95
CA THR A 127 -15.64 13.78 8.28
C THR A 127 -16.50 12.70 8.93
N ALA A 128 -16.98 11.72 8.17
CA ALA A 128 -18.15 10.94 8.58
C ALA A 128 -19.33 11.88 8.86
N LYS A 129 -19.80 12.54 7.81
CA LYS A 129 -21.03 13.34 7.85
C LYS A 129 -21.99 12.89 6.75
N ARG A 130 -21.49 12.75 5.53
CA ARG A 130 -22.27 12.25 4.40
C ARG A 130 -21.52 11.10 3.74
N ILE A 131 -22.27 10.18 3.14
CA ILE A 131 -21.70 9.03 2.44
C ILE A 131 -21.81 9.28 0.93
N PRO A 132 -20.72 9.63 0.25
CA PRO A 132 -20.83 9.91 -1.18
C PRO A 132 -21.47 8.74 -1.91
N GLN A 133 -22.24 9.08 -2.94
CA GLN A 133 -22.93 8.08 -3.75
C GLN A 133 -22.46 8.02 -5.21
N ASP A 134 -21.44 8.81 -5.58
CA ASP A 134 -20.95 8.83 -6.96
C ASP A 134 -19.55 9.44 -6.93
N THR A 135 -18.77 9.17 -8.00
CA THR A 135 -17.59 9.97 -8.37
C THR A 135 -17.60 10.17 -9.88
N LEU A 136 -16.73 11.05 -10.41
CA LEU A 136 -16.55 11.10 -11.87
C LEU A 136 -15.92 9.80 -12.35
N GLY A 137 -14.87 9.38 -11.67
CA GLY A 137 -14.12 8.18 -12.03
C GLY A 137 -12.68 8.48 -12.40
N ILE A 138 -11.76 7.59 -11.99
CA ILE A 138 -10.35 7.79 -12.30
C ILE A 138 -9.73 6.55 -12.93
N GLY A 139 -8.68 6.78 -13.70
CA GLY A 139 -7.75 5.74 -14.10
C GLY A 139 -6.40 6.03 -13.51
N VAL A 140 -5.70 4.99 -13.04
CA VAL A 140 -4.41 5.17 -12.42
C VAL A 140 -3.37 4.57 -13.36
N VAL A 141 -2.22 5.21 -13.44
CA VAL A 141 -1.03 4.59 -13.97
C VAL A 141 -0.04 4.57 -12.82
N LEU A 142 0.21 3.36 -12.28
CA LEU A 142 0.97 3.20 -11.04
C LEU A 142 2.44 3.18 -11.38
N THR A 143 3.23 3.97 -10.64
CA THR A 143 4.66 3.98 -10.79
C THR A 143 5.37 3.24 -9.67
N ILE A 144 4.70 2.90 -8.57
CA ILE A 144 5.37 2.18 -7.50
C ILE A 144 4.43 1.21 -6.78
N PRO A 145 4.67 -0.14 -6.86
CA PRO A 145 3.68 -1.13 -6.32
C PRO A 145 3.70 -1.27 -4.79
N GLY A 146 3.26 -0.21 -4.14
CA GLY A 146 3.14 -0.19 -2.69
C GLY A 146 1.75 0.18 -2.27
N ALA A 147 1.22 -0.54 -1.28
CA ALA A 147 -0.01 -0.22 -0.58
C ALA A 147 -1.30 -0.48 -1.38
N GLY A 148 -1.24 -0.51 -2.71
CA GLY A 148 -2.39 -0.91 -3.50
C GLY A 148 -3.54 0.07 -3.58
N SER A 149 -3.33 1.36 -3.26
CA SER A 149 -4.41 2.34 -3.36
C SER A 149 -5.02 2.36 -4.75
N GLU A 150 -4.33 1.79 -5.75
CA GLU A 150 -4.77 1.70 -7.13
C GLU A 150 -5.91 0.72 -7.32
N MET A 151 -6.32 0.08 -6.27
CA MET A 151 -7.27 -1.03 -6.32
C MET A 151 -8.12 -1.04 -5.05
N SER A 152 -7.88 -0.09 -4.14
CA SER A 152 -8.59 0.06 -2.87
C SER A 152 -9.79 1.01 -2.97
N GLU A 153 -10.47 1.18 -1.85
CA GLU A 153 -11.62 2.07 -1.75
C GLU A 153 -11.36 3.19 -0.76
N SER A 154 -10.10 3.39 -0.38
CA SER A 154 -9.72 4.39 0.61
C SER A 154 -8.94 5.53 -0.03
N SER A 155 -8.94 6.67 0.68
CA SER A 155 -8.22 7.88 0.28
C SER A 155 -7.82 8.60 1.57
N ILE A 156 -6.54 8.99 1.64
CA ILE A 156 -5.92 9.41 2.88
C ILE A 156 -5.42 10.82 2.65
N ILE A 157 -6.17 11.81 3.15
CA ILE A 157 -5.87 13.22 2.95
C ILE A 157 -5.73 13.88 4.32
N THR A 158 -5.08 15.05 4.34
CA THR A 158 -4.79 15.77 5.58
C THR A 158 -5.16 17.24 5.45
N ASP A 159 -5.92 17.76 6.43
CA ASP A 159 -6.33 19.17 6.40
C ASP A 159 -5.31 20.02 7.15
N GLU A 160 -4.36 20.59 6.43
CA GLU A 160 -3.18 21.12 7.12
C GLU A 160 -3.50 22.33 8.00
N ASN A 161 -4.46 23.17 7.59
CA ASN A 161 -4.85 24.28 8.44
C ASN A 161 -5.57 23.85 9.71
N LYS A 162 -6.20 22.68 9.72
CA LYS A 162 -6.59 21.96 10.94
C LYS A 162 -5.56 20.88 11.32
N LYS A 163 -4.52 20.70 10.47
CA LYS A 163 -3.71 19.48 10.34
C LYS A 163 -4.23 18.22 11.02
N GLN A 164 -5.55 18.04 11.00
CA GLN A 164 -6.20 16.77 11.27
C GLN A 164 -6.27 15.96 9.97
N LYS A 165 -5.64 14.79 9.94
CA LYS A 165 -5.75 13.91 8.78
C LYS A 165 -6.89 12.91 9.00
N ALA A 166 -7.48 12.47 7.88
CA ALA A 166 -8.58 11.51 7.89
C ALA A 166 -8.61 10.70 6.61
N VAL A 167 -9.61 9.83 6.52
CA VAL A 167 -9.77 8.90 5.40
C VAL A 167 -11.26 8.69 5.13
N CYS A 168 -11.55 8.22 3.92
CA CYS A 168 -12.90 7.96 3.45
C CYS A 168 -12.84 6.64 2.66
N ASP A 169 -13.69 5.70 3.05
CA ASP A 169 -13.62 4.32 2.59
C ASP A 169 -15.01 3.94 2.11
N THR A 170 -15.15 3.78 0.79
CA THR A 170 -16.44 3.55 0.13
C THR A 170 -16.18 3.00 -1.26
N GLU A 171 -17.14 2.21 -1.75
CA GLU A 171 -17.01 1.49 -3.00
C GLU A 171 -16.95 2.41 -4.21
N VAL A 172 -17.17 3.71 -4.05
CA VAL A 172 -17.12 4.59 -5.22
C VAL A 172 -15.67 4.88 -5.60
N ASN A 173 -14.76 4.88 -4.60
CA ASN A 173 -13.36 5.23 -4.81
C ASN A 173 -12.63 4.25 -5.71
N PHE A 174 -13.13 3.04 -5.86
CA PHE A 174 -12.52 2.05 -6.73
C PHE A 174 -12.22 2.63 -8.11
N PRO A 175 -10.94 2.82 -8.43
CA PRO A 175 -10.54 3.16 -9.80
C PRO A 175 -11.34 2.44 -10.84
N LYS A 176 -11.62 3.10 -11.95
CA LYS A 176 -12.21 2.36 -13.05
C LYS A 176 -11.20 1.41 -13.67
N PHE A 177 -9.92 1.80 -13.71
CA PHE A 177 -8.87 0.95 -14.24
C PHE A 177 -7.53 1.38 -13.63
N ALA A 178 -6.59 0.45 -13.64
CA ALA A 178 -5.25 0.67 -13.12
C ALA A 178 -4.28 0.01 -14.09
N ILE A 179 -3.43 0.82 -14.71
CA ILE A 179 -2.35 0.31 -15.54
C ILE A 179 -1.23 -0.15 -14.62
N LEU A 180 -0.77 -1.38 -14.81
CA LEU A 180 0.33 -1.92 -14.01
C LEU A 180 1.38 -2.50 -14.95
N ASN A 181 2.48 -1.75 -15.11
CA ASN A 181 3.61 -2.19 -15.92
C ASN A 181 4.78 -2.41 -14.98
N PRO A 182 5.29 -3.63 -14.86
CA PRO A 182 6.40 -3.87 -13.92
C PRO A 182 7.67 -3.11 -14.28
N GLU A 183 7.80 -2.64 -15.53
CA GLU A 183 8.98 -1.88 -15.93
C GLU A 183 9.22 -0.71 -14.99
N VAL A 184 8.16 -0.13 -14.42
CA VAL A 184 8.33 1.01 -13.51
C VAL A 184 9.11 0.65 -12.24
N CYS A 185 9.26 -0.65 -11.96
CA CYS A 185 10.03 -1.10 -10.80
C CYS A 185 11.52 -0.78 -10.98
N TYR A 186 12.00 -0.71 -12.24
CA TYR A 186 13.43 -0.72 -12.51
C TYR A 186 14.14 0.45 -11.87
N THR A 187 13.63 1.66 -12.08
CA THR A 187 14.31 2.86 -11.62
C THR A 187 14.23 3.04 -10.12
N ILE A 188 13.53 2.17 -9.39
CA ILE A 188 13.30 2.42 -7.95
C ILE A 188 14.60 2.19 -7.17
N PRO A 189 14.96 3.04 -6.23
CA PRO A 189 16.22 2.80 -5.51
C PRO A 189 16.17 1.57 -4.59
N ASP A 190 17.37 1.04 -4.33
CA ASP A 190 17.52 -0.24 -3.65
C ASP A 190 16.76 -0.27 -2.33
N ARG A 191 17.14 0.57 -1.36
CA ARG A 191 16.51 0.52 -0.04
C ARG A 191 15.00 0.71 -0.15
N LEU A 192 14.55 1.48 -1.14
CA LEU A 192 13.12 1.62 -1.31
C LEU A 192 12.50 0.41 -1.99
N MET A 193 13.24 -0.29 -2.84
CA MET A 193 12.70 -1.52 -3.40
C MET A 193 12.64 -2.61 -2.35
N ALA A 194 13.63 -2.64 -1.49
CA ALA A 194 13.66 -3.70 -0.51
C ALA A 194 12.54 -3.52 0.49
N ALA A 195 12.26 -2.27 0.88
CA ALA A 195 11.21 -2.01 1.85
C ALA A 195 9.85 -2.34 1.28
N GLY A 196 9.68 -2.14 -0.03
CA GLY A 196 8.40 -2.47 -0.63
C GLY A 196 8.19 -3.96 -0.77
N ILE A 197 9.29 -4.71 -0.92
CA ILE A 197 9.16 -6.17 -0.83
C ILE A 197 8.77 -6.59 0.58
N VAL A 198 9.21 -5.85 1.60
CA VAL A 198 8.76 -6.21 2.93
C VAL A 198 7.30 -5.84 3.15
N ASP A 199 6.90 -4.63 2.79
CA ASP A 199 5.49 -4.29 2.88
C ASP A 199 4.61 -5.42 2.34
N ILE A 200 4.93 -5.99 1.16
CA ILE A 200 4.10 -7.07 0.58
C ILE A 200 4.06 -8.29 1.49
N LEU A 201 5.24 -8.80 1.88
CA LEU A 201 5.27 -9.95 2.76
C LEU A 201 4.49 -9.68 4.04
N SER A 202 4.80 -8.56 4.71
CA SER A 202 4.10 -8.15 5.92
C SER A 202 2.59 -8.05 5.71
N HIS A 203 2.14 -7.32 4.70
CA HIS A 203 0.70 -7.32 4.44
C HIS A 203 0.17 -8.75 4.44
N LEU A 204 0.89 -9.68 3.87
CA LEU A 204 0.38 -11.04 3.86
C LEU A 204 0.44 -11.66 5.25
N MET A 205 1.52 -11.40 6.00
CA MET A 205 1.69 -12.11 7.28
C MET A 205 0.69 -11.60 8.31
N GLU A 206 0.32 -10.30 8.26
CA GLU A 206 -0.64 -9.75 9.19
C GLU A 206 -2.01 -10.42 9.06
N ARG A 207 -2.35 -10.89 7.87
CA ARG A 207 -3.60 -11.59 7.63
C ARG A 207 -3.42 -13.08 7.92
N TYR A 208 -2.21 -13.60 7.76
CA TYR A 208 -2.01 -15.04 7.89
C TYR A 208 -2.12 -15.47 9.34
N PHE A 209 -1.37 -14.79 10.19
CA PHE A 209 -1.29 -15.11 11.62
C PHE A 209 -2.57 -14.62 12.32
N THR A 210 -3.45 -15.59 12.53
CA THR A 210 -4.83 -15.36 12.88
C THR A 210 -5.32 -16.47 13.79
N LYS A 211 -6.25 -16.10 14.68
CA LYS A 211 -6.93 -17.04 15.57
C LYS A 211 -8.10 -17.74 14.86
N SER A 212 -8.40 -17.35 13.62
CA SER A 212 -9.51 -17.94 12.88
C SER A 212 -9.17 -19.38 12.53
N ILE A 213 -10.20 -20.14 12.15
CA ILE A 213 -10.09 -21.56 11.84
C ILE A 213 -10.83 -21.83 10.55
N ASP A 214 -10.65 -23.04 10.02
CA ASP A 214 -11.37 -23.47 8.83
C ASP A 214 -10.97 -22.60 7.64
N THR A 215 -9.67 -22.43 7.45
CA THR A 215 -9.16 -21.46 6.48
C THR A 215 -8.12 -22.04 5.52
N ALA A 216 -8.24 -23.34 5.20
CA ALA A 216 -7.15 -24.08 4.55
C ALA A 216 -6.81 -23.50 3.19
N LEU A 217 -7.81 -23.48 2.30
CA LEU A 217 -7.61 -22.87 0.99
C LEU A 217 -6.94 -21.52 1.10
N SER A 218 -7.52 -20.62 1.89
CA SER A 218 -6.92 -19.30 2.03
C SER A 218 -5.51 -19.38 2.59
N ASP A 219 -5.28 -20.27 3.58
CA ASP A 219 -3.92 -20.49 4.04
C ASP A 219 -2.98 -20.74 2.86
N SER A 220 -3.42 -21.62 1.97
CA SER A 220 -2.62 -22.05 0.82
C SER A 220 -2.27 -20.88 -0.08
N LEU A 221 -3.26 -20.05 -0.38
CA LEU A 221 -3.04 -18.94 -1.29
C LEU A 221 -2.08 -17.94 -0.68
N ILE A 222 -2.29 -17.59 0.60
CA ILE A 222 -1.40 -16.64 1.28
C ILE A 222 0.00 -17.23 1.36
N GLU A 223 0.10 -18.53 1.63
CA GLU A 223 1.41 -19.17 1.58
C GLU A 223 2.03 -19.02 0.19
N ALA A 224 1.29 -19.36 -0.85
CA ALA A 224 1.85 -19.29 -2.18
C ALA A 224 2.47 -17.92 -2.46
N THR A 225 1.72 -16.84 -2.24
CA THR A 225 2.23 -15.48 -2.46
C THR A 225 3.43 -15.19 -1.58
N MET A 226 3.30 -15.35 -0.29
CA MET A 226 4.46 -15.21 0.58
C MET A 226 5.66 -15.93 -0.01
N LYS A 227 5.53 -17.25 -0.24
CA LYS A 227 6.67 -18.04 -0.72
C LYS A 227 7.28 -17.42 -1.98
N ILE A 228 6.45 -16.87 -2.86
CA ILE A 228 6.96 -16.19 -4.05
C ILE A 228 7.72 -14.94 -3.67
N VAL A 229 7.19 -14.19 -2.72
CA VAL A 229 7.93 -13.00 -2.32
C VAL A 229 9.27 -13.42 -1.74
N ILE A 230 9.30 -14.55 -1.04
CA ILE A 230 10.56 -14.98 -0.44
C ILE A 230 11.55 -15.46 -1.52
N LYS A 231 11.03 -16.15 -2.56
CA LYS A 231 11.94 -16.66 -3.59
C LYS A 231 12.47 -15.53 -4.48
N TYR A 232 11.57 -14.65 -4.98
CA TYR A 232 11.95 -13.70 -6.03
C TYR A 232 12.49 -12.37 -5.51
N GLY A 233 11.96 -11.83 -4.43
CA GLY A 233 12.48 -10.60 -3.83
C GLY A 233 14.00 -10.46 -3.82
N PRO A 234 14.69 -11.46 -3.29
CA PRO A 234 16.17 -11.42 -3.38
C PRO A 234 16.70 -11.43 -4.80
N LEU A 235 16.06 -12.14 -5.73
CA LEU A 235 16.54 -12.13 -7.11
C LEU A 235 16.38 -10.75 -7.74
N LEU A 236 15.17 -10.18 -7.65
CA LEU A 236 14.99 -8.80 -8.10
C LEU A 236 15.99 -7.87 -7.44
N MET A 237 16.34 -8.12 -6.19
CA MET A 237 17.25 -7.18 -5.57
C MET A 237 18.56 -7.13 -6.32
N LYS A 238 19.04 -8.28 -6.83
CA LYS A 238 20.33 -8.33 -7.50
C LYS A 238 20.28 -8.29 -9.05
N ASP A 239 19.11 -8.06 -9.65
CA ASP A 239 18.87 -8.09 -11.08
C ASP A 239 17.66 -7.15 -11.27
N ARG A 240 17.90 -5.85 -11.01
CA ARG A 240 16.81 -4.87 -10.91
C ARG A 240 16.01 -4.67 -12.20
N LYS A 241 16.58 -4.98 -13.35
CA LYS A 241 15.89 -4.73 -14.61
C LYS A 241 15.26 -6.01 -15.17
N ASN A 242 15.12 -7.03 -14.36
CA ASN A 242 14.64 -8.31 -14.90
C ASN A 242 13.11 -8.34 -14.92
N TYR A 243 12.53 -8.32 -16.12
CA TYR A 243 11.07 -8.11 -16.22
C TYR A 243 10.28 -9.22 -15.52
N ASN A 244 10.71 -10.47 -15.68
CA ASN A 244 10.08 -11.61 -15.03
C ASN A 244 10.04 -11.43 -13.52
N TYR A 245 11.22 -11.27 -12.91
CA TYR A 245 11.30 -11.05 -11.48
C TYR A 245 10.40 -9.90 -11.01
N CYS A 246 10.37 -8.80 -11.78
CA CYS A 246 9.53 -7.67 -11.41
C CYS A 246 8.05 -8.01 -11.56
N SER A 247 7.71 -8.88 -12.51
CA SER A 247 6.31 -9.23 -12.74
C SER A 247 5.77 -10.11 -11.62
N GLN A 248 6.55 -11.07 -11.15
CA GLN A 248 6.08 -11.86 -10.02
C GLN A 248 5.87 -10.95 -8.80
N ILE A 249 6.78 -10.04 -8.55
CA ILE A 249 6.73 -9.24 -7.34
C ILE A 249 5.58 -8.25 -7.39
N MET A 250 5.54 -7.44 -8.44
CA MET A 250 4.40 -6.56 -8.61
C MET A 250 3.08 -7.31 -8.52
N TRP A 251 2.97 -8.48 -9.21
CA TRP A 251 1.72 -9.24 -9.18
C TRP A 251 1.45 -9.75 -7.76
N ALA A 252 2.51 -10.09 -7.00
CA ALA A 252 2.32 -10.54 -5.62
C ALA A 252 1.72 -9.43 -4.76
N ALA A 253 2.23 -8.19 -4.92
CA ALA A 253 1.71 -7.07 -4.14
C ALA A 253 0.26 -6.86 -4.46
N THR A 254 -0.10 -6.98 -5.74
CA THR A 254 -1.50 -6.84 -6.10
C THR A 254 -2.36 -7.87 -5.39
N MET A 255 -1.96 -9.15 -5.50
CA MET A 255 -2.70 -10.21 -4.85
C MET A 255 -2.73 -10.03 -3.34
N ALA A 256 -1.60 -9.71 -2.72
CA ALA A 256 -1.63 -9.37 -1.30
C ALA A 256 -2.76 -8.39 -0.96
N HIS A 257 -3.10 -7.48 -1.86
CA HIS A 257 -4.16 -6.52 -1.63
C HIS A 257 -5.54 -7.05 -2.02
N ASN A 258 -5.66 -8.35 -2.20
CA ASN A 258 -6.89 -8.95 -2.71
C ASN A 258 -7.54 -9.77 -1.61
N GLY A 259 -8.80 -9.48 -1.33
CA GLY A 259 -9.55 -10.18 -0.33
C GLY A 259 -10.17 -11.46 -0.81
N MET A 260 -9.73 -11.95 -1.97
CA MET A 260 -10.09 -13.31 -2.31
C MET A 260 -9.19 -14.29 -1.58
N ILE A 261 -7.91 -13.98 -1.47
CA ILE A 261 -7.07 -14.98 -0.83
C ILE A 261 -7.18 -14.87 0.69
N ALA A 262 -7.24 -13.67 1.24
CA ALA A 262 -7.54 -13.49 2.66
C ALA A 262 -9.04 -13.29 2.73
N CYS A 263 -9.79 -14.32 3.17
CA CYS A 263 -11.24 -14.27 2.99
C CYS A 263 -11.93 -14.72 4.26
N GLY A 264 -12.31 -13.76 5.10
CA GLY A 264 -12.91 -14.12 6.36
C GLY A 264 -11.86 -14.57 7.33
N ARG A 265 -10.86 -13.72 7.51
CA ARG A 265 -9.88 -13.98 8.54
C ARG A 265 -9.42 -12.67 9.14
N VAL A 266 -9.14 -12.74 10.45
CA VAL A 266 -8.91 -11.55 11.27
C VAL A 266 -7.44 -11.14 11.17
N ALA A 267 -7.18 -9.94 10.65
CA ALA A 267 -5.83 -9.43 10.60
C ALA A 267 -5.37 -8.87 11.96
N ASP A 268 -4.13 -9.14 12.32
CA ASP A 268 -3.52 -8.49 13.46
C ASP A 268 -2.65 -7.32 12.98
N TRP A 269 -2.88 -6.13 13.56
CA TRP A 269 -2.14 -4.91 13.18
C TRP A 269 -1.06 -4.54 14.18
N ALA A 270 -0.74 -5.42 15.13
CA ALA A 270 0.21 -5.08 16.19
C ALA A 270 1.53 -4.56 15.62
N SER A 271 2.15 -5.32 14.72
CA SER A 271 3.44 -4.91 14.19
C SER A 271 3.34 -3.58 13.47
N HIS A 272 2.28 -3.37 12.69
CA HIS A 272 2.07 -2.09 12.03
C HIS A 272 2.13 -0.94 13.02
N ARG A 273 1.31 -1.01 14.08
CA ARG A 273 1.18 0.08 15.05
C ARG A 273 2.49 0.30 15.81
N ILE A 274 3.14 -0.77 16.25
CA ILE A 274 4.43 -0.59 16.91
C ILE A 274 5.36 0.16 15.98
N GLU A 275 5.49 -0.32 14.74
CA GLU A 275 6.34 0.35 13.76
C GLU A 275 5.92 1.79 13.54
N HIS A 276 4.60 2.04 13.49
CA HIS A 276 4.16 3.39 13.22
C HIS A 276 4.86 4.38 14.13
N GLU A 277 5.05 4.00 15.40
CA GLU A 277 5.63 4.93 16.35
C GLU A 277 7.15 4.91 16.39
N ILE A 278 7.81 3.85 15.93
CA ILE A 278 9.23 4.01 15.63
C ILE A 278 9.42 5.04 14.51
N SER A 279 8.53 5.02 13.54
CA SER A 279 8.63 5.94 12.41
C SER A 279 8.13 7.33 12.76
N GLY A 280 7.36 7.47 13.84
CA GLY A 280 6.88 8.80 14.20
C GLY A 280 7.97 9.62 14.85
N ILE A 281 8.86 8.97 15.59
CA ILE A 281 9.94 9.64 16.30
C ILE A 281 11.28 9.57 15.53
N TYR A 282 11.47 8.59 14.65
CA TYR A 282 12.71 8.43 13.91
C TYR A 282 12.46 8.51 12.41
N ASP A 283 13.46 8.95 11.67
CA ASP A 283 13.36 8.97 10.21
C ASP A 283 13.62 7.54 9.73
N LEU A 284 12.56 6.76 9.50
CA LEU A 284 12.78 5.37 9.08
C LEU A 284 11.64 4.86 8.21
N THR A 285 12.02 4.14 7.16
CA THR A 285 11.05 3.71 6.16
C THR A 285 10.21 2.54 6.66
N HIS A 286 8.90 2.60 6.39
CA HIS A 286 7.97 1.60 6.90
C HIS A 286 8.56 0.20 6.75
N GLY A 287 8.72 -0.21 5.50
CA GLY A 287 9.14 -1.58 5.24
C GLY A 287 10.37 -2.00 6.05
N ILE A 288 11.32 -1.08 6.24
CA ILE A 288 12.51 -1.49 7.01
C ILE A 288 12.14 -1.73 8.46
N GLY A 289 11.29 -0.88 9.02
CA GLY A 289 10.84 -1.11 10.37
C GLY A 289 9.96 -2.35 10.52
N MET A 290 9.25 -2.79 9.44
CA MET A 290 8.44 -4.01 9.48
C MET A 290 9.33 -5.27 9.43
N ALA A 291 10.60 -5.13 9.10
CA ALA A 291 11.51 -6.28 9.10
C ALA A 291 12.23 -6.43 10.41
N ILE A 292 12.35 -5.35 11.17
CA ILE A 292 12.94 -5.42 12.49
C ILE A 292 11.92 -5.84 13.55
N ILE A 293 10.67 -5.39 13.39
CA ILE A 293 9.62 -5.63 14.36
C ILE A 293 8.95 -6.99 14.15
N PHE A 294 8.56 -7.34 12.93
CA PHE A 294 7.79 -8.58 12.85
C PHE A 294 8.49 -9.78 13.47
N PRO A 295 9.79 -10.03 13.24
CA PRO A 295 10.42 -11.19 13.88
C PRO A 295 10.45 -11.05 15.40
N ALA A 296 10.62 -9.81 15.88
CA ALA A 296 10.49 -9.59 17.30
C ALA A 296 9.10 -10.05 17.75
N TRP A 297 8.07 -9.69 16.98
CA TRP A 297 6.69 -9.94 17.39
C TRP A 297 6.37 -11.41 17.34
N MET A 298 6.88 -12.11 16.33
CA MET A 298 6.50 -13.50 16.24
C MET A 298 7.26 -14.29 17.29
N LYS A 299 8.50 -13.89 17.56
CA LYS A 299 9.14 -14.45 18.74
C LYS A 299 8.30 -14.29 19.99
N TYR A 300 7.79 -13.10 20.25
CA TYR A 300 6.96 -12.89 21.44
C TYR A 300 5.57 -13.54 21.40
N THR A 301 5.05 -13.87 20.20
CA THR A 301 3.72 -14.51 20.08
C THR A 301 3.82 -15.96 19.67
N LYS A 302 5.01 -16.57 19.77
CA LYS A 302 5.15 -17.94 19.30
C LYS A 302 4.39 -18.95 20.14
N ASN A 303 3.73 -18.57 21.25
CA ASN A 303 3.06 -19.54 22.12
C ASN A 303 1.54 -19.54 21.99
N ILE A 304 0.97 -18.55 21.32
CA ILE A 304 -0.47 -18.46 21.13
C ILE A 304 -1.02 -19.68 20.39
N ARG A 305 -0.79 -19.78 19.06
CA ARG A 305 -1.14 -21.00 18.30
C ARG A 305 0.10 -21.52 17.59
N PRO A 306 0.98 -22.17 18.33
CA PRO A 306 2.22 -22.66 17.75
C PRO A 306 1.98 -23.44 16.50
N GLN A 307 0.86 -24.15 16.40
CA GLN A 307 0.60 -24.92 15.20
C GLN A 307 0.57 -23.99 14.00
N ILE A 308 -0.12 -22.85 14.11
CA ILE A 308 -0.17 -22.01 12.93
C ILE A 308 1.22 -21.40 12.66
N PHE A 309 2.10 -21.39 13.65
CA PHE A 309 3.48 -21.01 13.31
C PHE A 309 4.21 -22.16 12.66
N GLU A 310 4.05 -23.37 13.19
CA GLU A 310 4.68 -24.52 12.57
C GLU A 310 4.26 -24.56 11.11
N LYS A 311 2.96 -24.39 10.86
CA LYS A 311 2.49 -24.39 9.48
C LYS A 311 3.20 -23.32 8.69
N PHE A 312 3.13 -22.07 9.14
CA PHE A 312 3.78 -21.02 8.37
C PHE A 312 5.17 -21.40 7.88
N PHE A 313 6.06 -21.76 8.80
CA PHE A 313 7.46 -21.98 8.46
C PHE A 313 7.67 -23.27 7.68
N LYS A 314 6.75 -24.25 7.82
CA LYS A 314 6.84 -25.47 7.00
C LYS A 314 6.55 -25.16 5.54
N GLU A 315 5.45 -24.44 5.31
CA GLU A 315 5.02 -24.13 3.97
C GLU A 315 5.94 -23.14 3.30
N VAL A 316 6.55 -22.25 4.05
CA VAL A 316 7.22 -21.10 3.45
C VAL A 316 8.74 -21.22 3.53
N PHE A 317 9.27 -21.77 4.62
CA PHE A 317 10.71 -21.92 4.74
C PHE A 317 11.09 -23.38 4.86
N ASN A 318 10.15 -24.29 4.59
CA ASN A 318 10.43 -25.72 4.60
C ASN A 318 11.06 -26.17 5.91
N THR A 319 10.44 -25.79 7.03
CA THR A 319 10.96 -26.28 8.31
C THR A 319 9.93 -26.15 9.42
N VAL A 320 9.91 -27.16 10.29
CA VAL A 320 8.91 -27.25 11.34
C VAL A 320 9.40 -26.64 12.65
N ASN A 321 10.69 -26.25 12.74
CA ASN A 321 11.16 -25.55 13.94
C ASN A 321 11.01 -24.05 13.79
N ILE A 322 10.14 -23.47 14.61
CA ILE A 322 9.94 -22.02 14.68
C ILE A 322 11.27 -21.25 14.78
N ASP A 323 12.18 -21.69 15.65
CA ASP A 323 13.42 -20.94 15.79
C ASP A 323 14.20 -20.96 14.47
N GLU A 324 14.45 -22.13 13.93
CA GLU A 324 15.17 -22.15 12.68
C GLU A 324 14.48 -21.28 11.64
N GLY A 325 13.15 -21.33 11.57
CA GLY A 325 12.43 -20.57 10.56
C GLY A 325 12.42 -19.08 10.83
N ILE A 326 12.26 -18.69 12.09
CA ILE A 326 12.35 -17.28 12.37
C ILE A 326 13.70 -16.74 11.91
N ASN A 327 14.77 -17.50 12.14
CA ASN A 327 16.09 -17.05 11.67
C ASN A 327 16.18 -17.01 10.11
N LYS A 328 15.51 -17.94 9.41
CA LYS A 328 15.49 -17.92 7.95
C LYS A 328 14.77 -16.70 7.45
N LEU A 329 13.66 -16.36 8.10
CA LEU A 329 13.01 -15.10 7.76
C LEU A 329 13.95 -13.93 8.03
N GLU A 330 14.66 -13.96 9.16
CA GLU A 330 15.66 -12.93 9.44
C GLU A 330 16.70 -12.88 8.33
N GLU A 331 17.26 -14.03 7.99
CA GLU A 331 18.25 -14.10 6.92
C GLU A 331 17.72 -13.60 5.57
N PHE A 332 16.45 -13.87 5.29
CA PHE A 332 15.84 -13.37 4.06
C PHE A 332 15.74 -11.86 4.09
N PHE A 333 15.42 -11.26 5.24
CA PHE A 333 15.44 -9.80 5.30
C PHE A 333 16.86 -9.28 5.04
N LYS A 334 17.88 -9.88 5.65
CA LYS A 334 19.23 -9.39 5.39
C LYS A 334 19.60 -9.59 3.91
N SER A 335 19.05 -10.63 3.24
CA SER A 335 19.39 -10.79 1.83
C SER A 335 18.80 -9.66 0.97
N LEU A 336 18.09 -8.69 1.50
CA LEU A 336 17.67 -7.56 0.69
C LEU A 336 18.35 -6.24 1.11
N GLY A 337 19.41 -6.30 1.91
CA GLY A 337 20.19 -5.16 2.31
C GLY A 337 19.91 -4.63 3.69
N ILE A 338 19.04 -5.29 4.45
CA ILE A 338 18.41 -4.69 5.61
C ILE A 338 19.08 -5.21 6.87
N ASN A 339 19.66 -4.30 7.66
CA ASN A 339 20.17 -4.67 8.96
C ASN A 339 18.98 -4.91 9.86
N LEU A 340 19.09 -5.91 10.73
CA LEU A 340 17.89 -6.41 11.38
C LEU A 340 17.60 -5.76 12.72
N LYS A 341 18.47 -4.90 13.25
CA LYS A 341 18.26 -4.33 14.58
C LYS A 341 18.07 -2.82 14.53
N LEU A 342 17.44 -2.29 15.57
CA LEU A 342 17.23 -0.85 15.63
C LEU A 342 18.50 -0.14 16.10
N SER A 343 19.32 -0.83 16.91
CA SER A 343 20.61 -0.26 17.28
C SER A 343 21.41 0.09 16.04
N ASP A 344 21.29 -0.75 14.99
CA ASP A 344 21.98 -0.57 13.71
C ASP A 344 21.58 0.74 13.05
N TYR A 345 20.45 1.32 13.43
CA TYR A 345 20.04 2.63 12.96
C TYR A 345 20.18 3.69 14.06
N GLY A 346 21.03 3.41 15.06
CA GLY A 346 21.17 4.24 16.24
C GLY A 346 19.84 4.69 16.84
N ILE A 347 18.83 3.83 16.73
CA ILE A 347 17.64 3.90 17.57
C ILE A 347 17.94 3.22 18.91
N THR A 348 17.78 3.96 20.00
CA THR A 348 18.07 3.44 21.32
C THR A 348 16.78 3.09 22.06
N GLU A 349 16.95 2.49 23.25
CA GLU A 349 15.82 2.23 24.14
C GLU A 349 15.20 3.49 24.69
N GLU A 350 15.73 4.66 24.33
CA GLU A 350 15.34 5.90 25.00
C GLU A 350 13.83 6.07 25.02
N TYR A 351 13.17 5.89 23.87
CA TYR A 351 11.73 6.15 23.81
C TYR A 351 10.90 4.90 23.68
N PHE A 352 11.44 3.72 23.92
CA PHE A 352 10.61 2.53 23.95
C PHE A 352 9.34 2.75 24.80
N SER A 353 9.51 3.19 26.04
CA SER A 353 8.36 3.56 26.86
C SER A 353 7.43 4.53 26.13
N LEU A 354 7.97 5.67 25.69
CA LEU A 354 7.15 6.68 25.03
C LEU A 354 6.41 6.10 23.83
N MET A 355 7.11 5.29 23.05
CA MET A 355 6.52 4.66 21.88
C MET A 355 5.41 3.69 22.26
N ALA A 356 5.60 2.93 23.34
CA ALA A 356 4.60 1.95 23.72
C ALA A 356 3.31 2.61 24.19
N GLU A 357 3.42 3.69 24.98
CA GLU A 357 2.24 4.45 25.41
C GLU A 357 1.49 5.05 24.21
N LYS A 358 2.22 5.67 23.29
CA LYS A 358 1.54 6.28 22.14
C LYS A 358 0.88 5.24 21.24
N ALA A 359 1.47 4.04 21.11
CA ALA A 359 0.87 2.98 20.30
C ALA A 359 -0.48 2.53 20.87
N LEU A 360 -0.53 2.32 22.19
CA LEU A 360 -1.75 1.88 22.84
C LEU A 360 -2.80 2.98 22.89
N GLY A 361 -2.36 4.24 22.87
CA GLY A 361 -3.29 5.33 23.10
C GLY A 361 -4.11 5.12 24.36
N ASN A 362 -5.44 5.24 24.20
CA ASN A 362 -6.37 5.14 25.32
C ASN A 362 -6.79 3.72 25.65
N SER A 363 -6.39 2.75 24.83
CA SER A 363 -6.67 1.35 25.08
C SER A 363 -5.65 0.76 26.06
N GLU A 364 -6.02 -0.39 26.62
CA GLU A 364 -5.15 -1.06 27.57
C GLU A 364 -4.25 -2.09 26.90
N THR A 365 -4.78 -2.83 25.92
CA THR A 365 -3.95 -3.72 25.12
C THR A 365 -4.04 -3.35 23.65
N LEU A 366 -3.33 -4.12 22.83
CA LEU A 366 -3.24 -3.86 21.39
C LEU A 366 -2.93 -5.17 20.69
N GLY A 367 -3.66 -5.46 19.62
CA GLY A 367 -3.53 -6.75 18.96
C GLY A 367 -4.81 -7.57 18.96
N ARG A 368 -4.91 -8.59 18.07
CA ARG A 368 -5.96 -9.62 18.03
C ARG A 368 -5.41 -11.03 18.22
N PHE A 369 -4.33 -11.37 17.49
CA PHE A 369 -3.67 -12.67 17.67
C PHE A 369 -3.24 -12.85 19.13
N MET A 370 -2.60 -11.82 19.70
CA MET A 370 -2.17 -11.75 21.11
C MET A 370 -2.48 -10.36 21.65
N GLN A 371 -3.18 -10.29 22.80
CA GLN A 371 -3.39 -8.96 23.37
C GLN A 371 -2.11 -8.53 24.07
N LEU A 372 -1.56 -7.40 23.62
CA LEU A 372 -0.24 -6.93 24.04
C LEU A 372 -0.41 -5.62 24.80
N ASN A 373 0.11 -5.59 26.01
CA ASN A 373 0.05 -4.41 26.87
C ASN A 373 1.39 -3.66 26.83
N LYS A 374 1.47 -2.59 27.63
CA LYS A 374 2.56 -1.64 27.44
C LYS A 374 3.89 -2.35 27.58
N GLN A 375 4.04 -3.13 28.64
CA GLN A 375 5.31 -3.80 28.88
C GLN A 375 5.58 -4.87 27.82
N ASP A 376 4.53 -5.60 27.42
CA ASP A 376 4.62 -6.50 26.29
C ASP A 376 5.28 -5.81 25.09
N ILE A 377 4.74 -4.65 24.70
CA ILE A 377 5.33 -3.89 23.60
C ILE A 377 6.80 -3.52 23.87
N ILE A 378 7.14 -3.12 25.09
CA ILE A 378 8.54 -2.82 25.38
C ILE A 378 9.41 -4.05 25.20
N ASN A 379 8.92 -5.22 25.66
CA ASN A 379 9.63 -6.48 25.44
C ASN A 379 9.88 -6.70 23.95
N ILE A 380 8.85 -6.46 23.12
CA ILE A 380 9.02 -6.67 21.68
C ILE A 380 10.07 -5.72 21.13
N LEU A 381 10.09 -4.48 21.62
CA LEU A 381 11.08 -3.52 21.19
C LEU A 381 12.47 -3.87 21.70
N ASN A 382 12.55 -4.52 22.89
CA ASN A 382 13.85 -4.97 23.37
C ASN A 382 14.35 -6.16 22.53
N LEU A 383 13.43 -7.01 22.08
CA LEU A 383 13.77 -8.10 21.19
C LEU A 383 14.33 -7.57 19.87
N ALA A 384 13.86 -6.40 19.45
CA ALA A 384 14.25 -5.87 18.15
C ALA A 384 15.38 -4.87 18.27
N LYS A 385 15.84 -4.59 19.50
CA LYS A 385 16.93 -3.64 19.72
C LYS A 385 18.25 -4.19 19.22
FE FE B . 1.28 -2.91 7.19
PB ADP C . 3.76 5.24 -2.17
O1B ADP C . 5.10 4.66 -1.73
O2B ADP C . 3.05 6.11 -1.16
O3B ADP C . 2.87 4.19 -2.84
PA ADP C . 5.34 7.47 -3.31
O1A ADP C . 5.63 7.71 -4.78
O2A ADP C . 5.07 8.63 -2.37
O3A ADP C . 4.07 6.47 -3.22
O5' ADP C . 6.72 6.73 -2.90
C5' ADP C . 7.74 7.46 -2.19
C4' ADP C . 8.94 7.79 -3.08
O4' ADP C . 9.13 6.80 -4.09
C3' ADP C . 8.76 9.12 -3.82
O3' ADP C . 9.73 10.06 -3.34
C2' ADP C . 9.11 8.88 -5.26
O2' ADP C . 10.28 9.65 -5.55
C1' ADP C . 9.52 7.41 -5.34
N9 ADP C . 8.99 6.64 -6.51
C8 ADP C . 7.71 6.29 -6.79
N7 ADP C . 7.62 5.55 -7.94
C5 ADP C . 8.86 5.40 -8.42
C6 ADP C . 9.52 4.73 -9.56
N6 ADP C . 8.83 4.04 -10.50
N1 ADP C . 10.85 4.83 -9.68
C2 ADP C . 11.60 5.50 -8.80
N3 ADP C . 11.06 6.12 -7.74
C4 ADP C . 9.74 6.11 -7.49
#